data_7R70
#
_entry.id   7R70
#
_cell.length_a   154.470
_cell.length_b   154.470
_cell.length_c   81.706
_cell.angle_alpha   90.000
_cell.angle_beta   90.000
_cell.angle_gamma   120.000
#
_symmetry.space_group_name_H-M   'P 62 2 2'
#
loop_
_entity.id
_entity.type
_entity.pdbx_description
1 polymer 'Ubiquitin,E3 ubiquitin-protein ligase RNF165'
2 non-polymer GLYCEROL
3 non-polymer 'ZINC ION'
4 water water
#
_entity_poly.entity_id   1
_entity_poly.type   'polypeptide(L)'
_entity_poly.pdbx_seq_one_letter_code
;GPLGSMQIFVKTLTGKTITLEVEPSDTIENVKAKIQDKEGIPPDQQRLIFAGKQLEDGRTLSDYNIQKESTLHLVLRLRG
GGESGSGGSGSGAVQNTIERFTFPHKYKKRRPQDGKGKKDEGEESDTDEKCTICLSMLEDGEDVRRLPCMHLFHQLCVDQ
WLAMSKKCPICRVDIETQLGADS
;
_entity_poly.pdbx_strand_id   A,B
#
# COMPACT_ATOMS: atom_id res chain seq x y z
N SER A 5 -30.61 -9.08 10.58
CA SER A 5 -29.86 -8.08 9.83
C SER A 5 -30.78 -7.20 8.97
N MET A 6 -30.21 -6.13 8.41
CA MET A 6 -30.97 -5.15 7.64
C MET A 6 -30.07 -4.53 6.57
N GLN A 7 -30.70 -3.78 5.66
CA GLN A 7 -30.03 -3.19 4.52
C GLN A 7 -30.22 -1.67 4.50
N ILE A 8 -29.17 -0.96 4.09
CA ILE A 8 -29.22 0.48 3.83
C ILE A 8 -28.41 0.78 2.58
N PHE A 9 -28.62 1.98 2.03
CA PHE A 9 -28.08 2.39 0.75
C PHE A 9 -27.11 3.54 0.93
N VAL A 10 -26.06 3.55 0.10
CA VAL A 10 -25.05 4.60 0.13
C VAL A 10 -24.90 5.12 -1.30
N LYS A 11 -25.13 6.41 -1.48
CA LYS A 11 -25.12 7.02 -2.81
C LYS A 11 -23.95 7.98 -2.94
N THR A 12 -23.23 7.87 -4.07
CA THR A 12 -22.18 8.80 -4.45
C THR A 12 -22.75 9.94 -5.27
N LEU A 13 -21.87 10.85 -5.70
CA LEU A 13 -22.31 12.03 -6.47
C LEU A 13 -22.74 11.67 -7.89
N THR A 14 -22.33 10.50 -8.39
CA THR A 14 -22.79 10.08 -9.71
C THR A 14 -24.19 9.46 -9.69
N GLY A 15 -24.77 9.26 -8.51
CA GLY A 15 -26.02 8.53 -8.40
C GLY A 15 -25.85 7.04 -8.16
N LYS A 16 -24.64 6.52 -8.30
CA LYS A 16 -24.34 5.13 -7.94
C LYS A 16 -24.82 4.83 -6.53
N THR A 17 -25.43 3.65 -6.36
CA THR A 17 -26.00 3.24 -5.08
C THR A 17 -25.42 1.89 -4.68
N ILE A 18 -24.90 1.82 -3.47
CA ILE A 18 -24.34 0.61 -2.89
C ILE A 18 -25.31 0.10 -1.83
N THR A 19 -25.53 -1.21 -1.80
CA THR A 19 -26.33 -1.83 -0.77
C THR A 19 -25.42 -2.41 0.29
N LEU A 20 -25.73 -2.12 1.56
CA LEU A 20 -24.93 -2.54 2.70
C LEU A 20 -25.78 -3.37 3.64
N GLU A 21 -25.37 -4.60 3.87
CA GLU A 21 -26.00 -5.45 4.88
C GLU A 21 -25.39 -5.07 6.22
N VAL A 22 -26.18 -4.42 7.06
CA VAL A 22 -25.69 -3.83 8.28
C VAL A 22 -26.49 -4.35 9.46
N GLU A 23 -26.06 -3.93 10.64
CA GLU A 23 -26.82 -4.06 11.87
C GLU A 23 -27.09 -2.66 12.43
N PRO A 24 -28.20 -2.46 13.14
CA PRO A 24 -28.41 -1.14 13.76
C PRO A 24 -27.36 -0.79 14.78
N SER A 25 -26.71 -1.79 15.40
CA SER A 25 -25.69 -1.58 16.41
C SER A 25 -24.28 -1.50 15.82
N ASP A 26 -24.16 -1.24 14.52
CA ASP A 26 -22.87 -1.07 13.88
C ASP A 26 -22.40 0.37 13.96
N THR A 27 -21.10 0.54 14.14
CA THR A 27 -20.49 1.86 14.12
C THR A 27 -20.37 2.41 12.71
N ILE A 28 -20.37 3.74 12.62
CA ILE A 28 -20.07 4.42 11.35
C ILE A 28 -18.75 3.92 10.79
N GLU A 29 -17.79 3.63 11.68
CA GLU A 29 -16.50 3.08 11.25
C GLU A 29 -16.68 1.72 10.58
N ASN A 30 -17.54 0.87 11.14
CA ASN A 30 -17.82 -0.42 10.52
C ASN A 30 -18.49 -0.23 9.17
N VAL A 31 -19.37 0.77 9.06
CA VAL A 31 -20.04 1.06 7.81
C VAL A 31 -19.01 1.47 6.75
N LYS A 32 -18.11 2.39 7.13
CA LYS A 32 -17.07 2.79 6.19
C LYS A 32 -16.19 1.61 5.82
N ALA A 33 -16.01 0.69 6.76
CA ALA A 33 -15.19 -0.49 6.50
C ALA A 33 -15.83 -1.41 5.46
N LYS A 34 -17.15 -1.64 5.53
CA LYS A 34 -17.76 -2.48 4.51
C LYS A 34 -17.87 -1.74 3.18
N ILE A 35 -18.06 -0.41 3.22
CA ILE A 35 -17.90 0.37 2.00
C ILE A 35 -16.52 0.14 1.40
N GLN A 36 -15.49 0.06 2.25
CA GLN A 36 -14.16 -0.27 1.74
C GLN A 36 -14.12 -1.70 1.17
N ASP A 37 -14.79 -2.63 1.85
CA ASP A 37 -14.80 -4.01 1.36
C ASP A 37 -15.47 -4.11 0.00
N LYS A 38 -16.56 -3.36 -0.21
CA LYS A 38 -17.27 -3.47 -1.47
C LYS A 38 -16.61 -2.63 -2.58
N GLU A 39 -16.15 -1.43 -2.26
CA GLU A 39 -15.67 -0.51 -3.28
C GLU A 39 -14.21 -0.09 -3.13
N GLY A 40 -13.49 -0.54 -2.11
CA GLY A 40 -12.06 -0.23 -2.05
C GLY A 40 -11.72 1.19 -1.68
N ILE A 41 -12.65 1.94 -1.07
CA ILE A 41 -12.39 3.31 -0.66
C ILE A 41 -11.92 3.29 0.80
N PRO A 42 -10.71 3.77 1.09
CA PRO A 42 -10.22 3.85 2.49
C PRO A 42 -11.16 4.66 3.36
N PRO A 43 -11.45 4.20 4.58
CA PRO A 43 -12.37 4.96 5.45
C PRO A 43 -11.91 6.38 5.73
N ASP A 44 -10.60 6.66 5.68
CA ASP A 44 -10.14 8.02 5.89
C ASP A 44 -10.52 8.95 4.74
N GLN A 45 -10.96 8.41 3.61
CA GLN A 45 -11.38 9.24 2.50
C GLN A 45 -12.88 9.47 2.46
N GLN A 46 -13.65 8.75 3.29
CA GLN A 46 -15.11 8.75 3.24
C GLN A 46 -15.71 9.72 4.26
N ARG A 47 -16.60 10.57 3.79
CA ARG A 47 -17.44 11.39 4.65
C ARG A 47 -18.89 11.00 4.36
N LEU A 48 -19.56 10.38 5.35
CA LEU A 48 -20.95 9.96 5.19
C LEU A 48 -21.86 11.04 5.72
N ILE A 49 -22.80 11.49 4.89
CA ILE A 49 -23.77 12.50 5.25
C ILE A 49 -25.16 11.87 5.24
N PHE A 50 -25.97 12.25 6.21
CA PHE A 50 -27.32 11.72 6.39
C PHE A 50 -28.17 12.84 6.95
N ALA A 51 -29.25 13.18 6.25
CA ALA A 51 -30.16 14.25 6.68
C ALA A 51 -29.44 15.58 6.83
N GLY A 52 -28.43 15.84 6.00
CA GLY A 52 -27.76 17.12 6.01
C GLY A 52 -26.79 17.33 7.15
N LYS A 53 -26.35 16.26 7.82
CA LYS A 53 -25.36 16.36 8.89
C LYS A 53 -24.25 15.33 8.66
N GLN A 54 -23.06 15.63 9.18
CA GLN A 54 -21.96 14.68 9.09
C GLN A 54 -22.10 13.61 10.17
N LEU A 55 -21.50 12.45 9.93
CA LEU A 55 -21.69 11.30 10.81
C LEU A 55 -20.36 10.85 11.41
N GLU A 56 -20.22 11.07 12.72
CA GLU A 56 -18.99 10.78 13.43
C GLU A 56 -18.74 9.28 13.51
N ASP A 57 -17.46 8.90 13.54
CA ASP A 57 -17.10 7.49 13.34
C ASP A 57 -17.40 6.62 14.56
N GLY A 58 -17.21 7.15 15.77
CA GLY A 58 -17.42 6.33 16.94
C GLY A 58 -18.87 6.06 17.29
N ARG A 59 -19.82 6.58 16.50
CA ARG A 59 -21.23 6.42 16.81
C ARG A 59 -21.86 5.29 16.00
N THR A 60 -22.96 4.78 16.51
CA THR A 60 -23.71 3.67 15.95
C THR A 60 -24.81 4.19 15.03
N LEU A 61 -25.26 3.36 14.08
CA LEU A 61 -26.33 3.80 13.20
C LEU A 61 -27.58 4.14 13.99
N SER A 62 -27.95 3.29 14.95
CA SER A 62 -29.20 3.50 15.67
C SER A 62 -29.16 4.74 16.57
N ASP A 63 -27.98 5.31 16.84
CA ASP A 63 -27.94 6.66 17.38
C ASP A 63 -28.57 7.66 16.41
N TYR A 64 -28.37 7.44 15.12
CA TYR A 64 -28.51 8.50 14.14
C TYR A 64 -29.80 8.47 13.34
N ASN A 65 -30.76 7.60 13.69
CA ASN A 65 -31.99 7.44 12.91
C ASN A 65 -31.65 6.70 11.63
N ILE A 66 -31.04 5.52 11.70
CA ILE A 66 -30.81 4.75 10.47
C ILE A 66 -31.59 3.45 10.52
N GLN A 67 -32.83 3.51 10.03
CA GLN A 67 -33.68 2.34 9.90
C GLN A 67 -33.35 1.62 8.59
N LYS A 68 -34.02 0.50 8.37
CA LYS A 68 -33.94 -0.20 7.10
C LYS A 68 -34.27 0.77 5.96
N GLU A 69 -33.59 0.59 4.83
CA GLU A 69 -33.84 1.28 3.57
C GLU A 69 -33.46 2.76 3.62
N SER A 70 -32.76 3.20 4.66
CA SER A 70 -32.22 4.55 4.68
C SER A 70 -31.10 4.70 3.65
N THR A 71 -30.95 5.91 3.12
CA THR A 71 -29.89 6.17 2.15
C THR A 71 -28.98 7.27 2.70
N LEU A 72 -27.70 6.97 2.80
CA LEU A 72 -26.69 7.95 3.16
C LEU A 72 -25.97 8.40 1.91
N HIS A 73 -25.38 9.58 1.98
CA HIS A 73 -24.56 10.10 0.89
C HIS A 73 -23.09 9.94 1.24
N LEU A 74 -22.31 9.50 0.27
CA LEU A 74 -20.87 9.28 0.42
C LEU A 74 -20.15 10.39 -0.33
N VAL A 75 -19.63 11.35 0.42
CA VAL A 75 -18.90 12.47 -0.16
C VAL A 75 -17.43 12.27 0.16
N LEU A 76 -16.56 13.13 -0.35
CA LEU A 76 -15.11 12.98 -0.14
C LEU A 76 -14.69 13.73 1.13
N ARG A 77 -14.00 13.03 2.03
CA ARG A 77 -13.51 13.61 3.29
C ARG A 77 -12.38 14.60 3.01
N LEU A 78 -12.74 15.85 2.75
CA LEU A 78 -11.80 16.92 2.46
C LEU A 78 -11.79 17.93 3.59
N ARG A 79 -10.60 18.52 3.82
CA ARG A 79 -10.44 19.57 4.82
C ARG A 79 -10.74 20.96 4.26
N SER A 91 -14.02 23.64 -17.93
CA SER A 91 -13.33 24.92 -17.93
C SER A 91 -11.82 24.71 -17.76
N GLY A 92 -11.45 23.81 -16.87
CA GLY A 92 -10.05 23.59 -16.55
C GLY A 92 -9.76 24.09 -15.15
N ALA A 93 -8.89 23.37 -14.44
CA ALA A 93 -8.56 23.68 -13.05
C ALA A 93 -7.05 23.85 -12.92
N VAL A 94 -6.63 24.92 -12.23
CA VAL A 94 -5.22 25.02 -11.90
C VAL A 94 -4.88 23.97 -10.84
N GLN A 95 -3.57 23.69 -10.71
CA GLN A 95 -3.13 22.62 -9.81
C GLN A 95 -3.65 22.84 -8.40
N ASN A 96 -3.70 24.10 -7.95
CA ASN A 96 -4.18 24.40 -6.61
C ASN A 96 -5.65 24.00 -6.47
N THR A 97 -6.47 24.36 -7.45
CA THR A 97 -7.87 23.96 -7.44
C THR A 97 -7.99 22.44 -7.36
N ILE A 98 -7.14 21.72 -8.10
CA ILE A 98 -7.22 20.26 -8.12
C ILE A 98 -6.98 19.70 -6.73
N GLU A 99 -5.95 20.22 -6.03
CA GLU A 99 -5.63 19.73 -4.70
C GLU A 99 -6.73 20.05 -3.69
N ARG A 100 -7.40 21.19 -3.86
CA ARG A 100 -8.43 21.58 -2.90
C ARG A 100 -9.67 20.68 -2.98
N PHE A 101 -9.95 20.10 -4.15
CA PHE A 101 -11.20 19.38 -4.35
C PHE A 101 -11.02 17.88 -4.57
N THR A 102 -9.83 17.34 -4.36
CA THR A 102 -9.58 15.91 -4.55
C THR A 102 -8.76 15.37 -3.38
N PHE A 103 -8.64 14.05 -3.33
CA PHE A 103 -7.88 13.34 -2.29
C PHE A 103 -6.66 12.66 -2.90
N PRO A 104 -5.50 13.31 -2.90
CA PRO A 104 -4.28 12.62 -3.32
C PRO A 104 -3.75 11.76 -2.20
N HIS A 105 -3.10 10.67 -2.59
CA HIS A 105 -2.61 9.67 -1.64
C HIS A 105 -1.77 8.69 -2.42
N LYS A 106 -0.99 7.89 -1.68
CA LYS A 106 -0.28 6.78 -2.28
C LYS A 106 -1.14 5.54 -2.18
N TYR A 107 -1.12 4.73 -3.24
CA TYR A 107 -2.05 3.62 -3.31
C TYR A 107 -1.58 2.47 -2.42
N LYS A 108 -2.54 1.87 -1.71
CA LYS A 108 -2.32 0.64 -0.95
C LYS A 108 -3.35 -0.39 -1.42
N LYS A 109 -2.91 -1.37 -2.19
CA LYS A 109 -3.70 -2.54 -2.50
C LYS A 109 -4.21 -3.17 -1.20
N ARG A 110 -5.51 -3.41 -1.13
CA ARG A 110 -6.06 -4.10 0.02
C ARG A 110 -6.06 -5.59 -0.26
N ARG A 111 -5.73 -6.37 0.77
CA ARG A 111 -5.89 -7.80 0.65
C ARG A 111 -7.40 -8.05 0.77
N ASP A 126 -11.95 -7.70 -8.31
CA ASP A 126 -11.64 -8.03 -6.93
C ASP A 126 -10.81 -6.93 -6.28
N THR A 127 -9.72 -7.33 -5.63
CA THR A 127 -8.75 -6.38 -5.07
C THR A 127 -7.99 -5.61 -6.15
N ASP A 128 -8.11 -5.99 -7.43
CA ASP A 128 -7.37 -5.31 -8.49
C ASP A 128 -8.14 -4.08 -8.96
N GLU A 129 -7.44 -2.96 -9.06
CA GLU A 129 -7.99 -1.74 -9.64
C GLU A 129 -7.05 -1.21 -10.71
N LYS A 130 -7.63 -0.73 -11.80
CA LYS A 130 -6.88 -0.16 -12.92
C LYS A 130 -7.24 1.32 -13.07
N CYS A 131 -6.25 2.13 -13.42
CA CYS A 131 -6.51 3.50 -13.85
C CYS A 131 -7.18 3.47 -15.23
N THR A 132 -8.43 3.91 -15.30
CA THR A 132 -9.21 3.79 -16.53
C THR A 132 -8.68 4.67 -17.66
N ILE A 133 -7.86 5.67 -17.36
CA ILE A 133 -7.25 6.50 -18.40
C ILE A 133 -6.14 5.72 -19.12
N CYS A 134 -5.17 5.21 -18.37
CA CYS A 134 -4.01 4.55 -19.00
C CYS A 134 -4.13 3.02 -19.03
N LEU A 135 -5.16 2.45 -18.40
CA LEU A 135 -5.46 1.02 -18.33
C LEU A 135 -4.47 0.21 -17.50
N SER A 136 -3.50 0.85 -16.86
CA SER A 136 -2.54 0.14 -16.03
C SER A 136 -3.12 -0.14 -14.65
N MET A 137 -2.71 -1.26 -14.08
CA MET A 137 -3.16 -1.58 -12.74
C MET A 137 -2.52 -0.63 -11.73
N LEU A 138 -3.27 -0.35 -10.65
CA LEU A 138 -2.73 0.47 -9.58
C LEU A 138 -1.85 -0.39 -8.68
N GLU A 139 -0.64 0.10 -8.40
CA GLU A 139 0.33 -0.64 -7.62
C GLU A 139 0.66 0.11 -6.33
N ASP A 140 1.02 -0.66 -5.30
CA ASP A 140 1.39 -0.10 -4.00
C ASP A 140 2.40 1.03 -4.15
N GLY A 141 2.11 2.15 -3.48
CA GLY A 141 2.99 3.31 -3.48
C GLY A 141 2.73 4.34 -4.57
N GLU A 142 2.07 3.95 -5.67
CA GLU A 142 1.83 4.89 -6.76
C GLU A 142 1.04 6.11 -6.30
N ASP A 143 1.40 7.27 -6.85
CA ASP A 143 0.71 8.53 -6.60
C ASP A 143 -0.62 8.53 -7.34
N VAL A 144 -1.72 8.50 -6.59
CA VAL A 144 -3.06 8.38 -7.13
C VAL A 144 -3.92 9.52 -6.63
N ARG A 145 -5.11 9.64 -7.19
CA ARG A 145 -6.00 10.71 -6.79
C ARG A 145 -7.45 10.22 -6.89
N ARG A 146 -8.21 10.40 -5.83
CA ARG A 146 -9.64 10.15 -5.89
C ARG A 146 -10.37 11.48 -6.10
N LEU A 147 -11.33 11.47 -7.00
CA LEU A 147 -12.13 12.65 -7.25
C LEU A 147 -13.42 12.60 -6.42
N PRO A 148 -14.12 13.73 -6.28
CA PRO A 148 -15.30 13.74 -5.39
C PRO A 148 -16.42 12.80 -5.83
N CYS A 149 -16.43 12.36 -7.09
CA CYS A 149 -17.36 11.31 -7.52
C CYS A 149 -16.96 9.94 -7.01
N MET A 150 -15.80 9.82 -6.35
CA MET A 150 -15.17 8.63 -5.78
C MET A 150 -14.36 7.86 -6.82
N HIS A 151 -14.27 8.33 -8.06
CA HIS A 151 -13.43 7.67 -9.05
C HIS A 151 -11.94 7.94 -8.75
N LEU A 152 -11.12 6.93 -9.02
CA LEU A 152 -9.73 6.89 -8.61
C LEU A 152 -8.84 6.78 -9.84
N PHE A 153 -7.78 7.59 -9.90
CA PHE A 153 -6.86 7.59 -11.04
C PHE A 153 -5.44 7.79 -10.56
N HIS A 154 -4.47 7.46 -11.43
CA HIS A 154 -3.13 7.99 -11.28
C HIS A 154 -3.17 9.52 -11.26
N GLN A 155 -2.38 10.13 -10.36
CA GLN A 155 -2.28 11.59 -10.39
C GLN A 155 -1.81 12.09 -11.74
N LEU A 156 -0.75 11.47 -12.27
CA LEU A 156 -0.18 11.96 -13.52
C LEU A 156 -1.21 11.88 -14.64
N CYS A 157 -2.01 10.82 -14.67
CA CYS A 157 -2.97 10.63 -15.76
C CYS A 157 -4.10 11.65 -15.67
N VAL A 158 -4.67 11.83 -14.48
CA VAL A 158 -5.90 12.62 -14.37
C VAL A 158 -5.63 14.12 -14.23
N ASP A 159 -4.47 14.52 -13.71
CA ASP A 159 -4.20 15.96 -13.60
C ASP A 159 -4.11 16.60 -14.99
N GLN A 160 -3.52 15.89 -15.96
CA GLN A 160 -3.51 16.39 -17.34
C GLN A 160 -4.92 16.65 -17.84
N TRP A 161 -5.84 15.71 -17.54
CA TRP A 161 -7.23 15.87 -17.92
C TRP A 161 -7.85 17.09 -17.24
N LEU A 162 -7.65 17.21 -15.92
CA LEU A 162 -8.31 18.27 -15.15
C LEU A 162 -7.78 19.66 -15.52
N ALA A 163 -6.50 19.77 -15.88
CA ALA A 163 -6.00 21.04 -16.41
C ALA A 163 -6.72 21.45 -17.70
N MET A 164 -7.31 20.50 -18.42
CA MET A 164 -8.13 20.79 -19.60
C MET A 164 -9.60 20.98 -19.23
N SER A 165 -10.14 20.13 -18.37
CA SER A 165 -11.55 20.16 -18.00
C SER A 165 -11.68 19.61 -16.59
N LYS A 166 -12.24 20.40 -15.68
CA LYS A 166 -12.34 20.00 -14.28
C LYS A 166 -13.45 18.96 -14.02
N LYS A 167 -13.88 18.24 -15.05
CA LYS A 167 -14.88 17.19 -14.91
C LYS A 167 -14.19 15.82 -14.90
N CYS A 168 -14.78 14.88 -14.18
CA CYS A 168 -14.27 13.53 -14.17
C CYS A 168 -14.37 12.91 -15.57
N PRO A 169 -13.30 12.27 -16.07
CA PRO A 169 -13.39 11.67 -17.41
C PRO A 169 -14.46 10.59 -17.53
N ILE A 170 -14.73 9.84 -16.45
CA ILE A 170 -15.72 8.77 -16.53
C ILE A 170 -17.13 9.32 -16.43
N CYS A 171 -17.42 10.01 -15.33
CA CYS A 171 -18.80 10.36 -15.02
C CYS A 171 -19.14 11.82 -15.30
N ARG A 172 -18.14 12.63 -15.68
CA ARG A 172 -18.33 14.02 -16.09
C ARG A 172 -18.77 14.93 -14.93
N VAL A 173 -18.64 14.45 -13.69
CA VAL A 173 -18.95 15.27 -12.53
C VAL A 173 -17.84 16.30 -12.31
N ASP A 174 -18.25 17.55 -12.17
CA ASP A 174 -17.33 18.63 -11.84
C ASP A 174 -16.69 18.39 -10.47
N ILE A 175 -15.36 18.57 -10.39
CA ILE A 175 -14.68 18.32 -9.12
C ILE A 175 -15.01 19.36 -8.07
N GLU A 176 -15.78 20.39 -8.40
CA GLU A 176 -16.19 21.39 -7.42
C GLU A 176 -17.65 21.27 -7.00
N THR A 177 -18.43 20.35 -7.57
CA THR A 177 -19.84 20.25 -7.18
C THR A 177 -19.96 19.74 -5.76
N GLN A 178 -20.96 20.26 -5.05
CA GLN A 178 -21.11 20.08 -3.62
C GLN A 178 -22.57 19.73 -3.31
N LEU A 179 -22.75 19.04 -2.17
CA LEU A 179 -24.02 18.78 -1.46
C LEU A 179 -23.93 17.44 -0.75
N SER B 5 -3.16 2.71 13.61
CA SER B 5 -2.78 1.77 12.56
C SER B 5 -2.67 2.47 11.21
N MET B 6 -1.42 2.66 10.77
CA MET B 6 -1.08 3.33 9.54
C MET B 6 -0.35 2.36 8.62
N GLN B 7 -0.24 2.71 7.34
CA GLN B 7 0.52 1.90 6.41
C GLN B 7 1.78 2.64 5.98
N ILE B 8 2.88 1.90 5.87
CA ILE B 8 4.13 2.43 5.35
C ILE B 8 4.58 1.54 4.21
N PHE B 9 5.51 2.07 3.40
CA PHE B 9 6.03 1.40 2.22
C PHE B 9 7.52 1.10 2.42
N VAL B 10 7.92 -0.12 2.07
CA VAL B 10 9.33 -0.53 2.13
C VAL B 10 9.79 -0.91 0.73
N LYS B 11 10.89 -0.33 0.31
CA LYS B 11 11.39 -0.48 -1.05
C LYS B 11 12.70 -1.26 -1.04
N THR B 12 12.81 -2.22 -1.95
CA THR B 12 14.06 -2.94 -2.18
C THR B 12 14.71 -2.40 -3.44
N LEU B 13 15.96 -2.82 -3.67
CA LEU B 13 16.71 -2.30 -4.80
C LEU B 13 16.06 -2.65 -6.14
N THR B 14 15.25 -3.72 -6.19
CA THR B 14 14.57 -4.06 -7.43
C THR B 14 13.39 -3.14 -7.73
N GLY B 15 13.06 -2.15 -6.90
CA GLY B 15 11.84 -1.40 -7.08
C GLY B 15 10.59 -2.00 -6.45
N LYS B 16 10.65 -3.25 -5.99
CA LYS B 16 9.52 -3.86 -5.31
C LYS B 16 9.11 -3.05 -4.08
N THR B 17 7.80 -2.96 -3.85
CA THR B 17 7.21 -2.23 -2.73
C THR B 17 6.51 -3.21 -1.80
N ILE B 18 6.97 -3.26 -0.55
CA ILE B 18 6.34 -4.02 0.52
C ILE B 18 5.50 -3.06 1.35
N THR B 19 4.18 -3.25 1.34
CA THR B 19 3.29 -2.47 2.18
C THR B 19 3.13 -3.15 3.53
N LEU B 20 3.38 -2.40 4.61
CA LEU B 20 3.28 -2.90 5.96
C LEU B 20 2.23 -2.12 6.75
N GLU B 21 1.55 -2.82 7.64
CA GLU B 21 0.65 -2.19 8.61
C GLU B 21 1.41 -2.05 9.92
N VAL B 22 1.53 -0.81 10.40
CA VAL B 22 2.37 -0.46 11.53
C VAL B 22 1.59 0.49 12.44
N GLU B 23 2.16 0.72 13.63
CA GLU B 23 1.66 1.76 14.53
C GLU B 23 2.80 2.74 14.82
N PRO B 24 2.49 4.02 15.03
CA PRO B 24 3.54 5.01 15.34
C PRO B 24 4.51 4.56 16.44
N SER B 25 4.06 3.74 17.39
CA SER B 25 4.90 3.30 18.49
C SER B 25 5.59 1.97 18.22
N ASP B 26 5.32 1.33 17.07
CA ASP B 26 6.06 0.13 16.70
C ASP B 26 7.56 0.44 16.61
N THR B 27 8.38 -0.54 17.00
CA THR B 27 9.81 -0.32 16.94
C THR B 27 10.38 -0.80 15.62
N ILE B 28 11.63 -0.41 15.35
CA ILE B 28 12.27 -0.76 14.08
C ILE B 28 12.44 -2.27 13.99
N GLU B 29 12.74 -2.93 15.11
CA GLU B 29 12.84 -4.38 15.11
C GLU B 29 11.48 -5.04 14.87
N ASN B 30 10.40 -4.44 15.41
CA ASN B 30 9.06 -4.90 15.05
C ASN B 30 8.83 -4.82 13.56
N VAL B 31 9.22 -3.70 12.96
CA VAL B 31 9.06 -3.55 11.52
C VAL B 31 9.87 -4.61 10.78
N LYS B 32 11.10 -4.90 11.25
CA LYS B 32 11.88 -5.93 10.56
C LYS B 32 11.25 -7.30 10.72
N ALA B 33 10.62 -7.55 11.87
CA ALA B 33 9.91 -8.80 12.07
C ALA B 33 8.74 -8.91 11.10
N LYS B 34 8.01 -7.80 10.92
CA LYS B 34 6.91 -7.83 9.96
C LYS B 34 7.41 -8.08 8.53
N ILE B 35 8.64 -7.65 8.23
CA ILE B 35 9.21 -7.93 6.91
C ILE B 35 9.57 -9.41 6.79
N GLN B 36 10.12 -9.99 7.86
CA GLN B 36 10.43 -11.42 7.82
C GLN B 36 9.18 -12.25 7.57
N ASP B 37 8.06 -11.87 8.19
CA ASP B 37 6.83 -12.62 7.99
C ASP B 37 6.28 -12.45 6.58
N LYS B 38 6.39 -11.24 6.03
CA LYS B 38 5.88 -11.02 4.68
C LYS B 38 6.82 -11.56 3.61
N GLU B 39 8.14 -11.54 3.83
CA GLU B 39 9.11 -11.82 2.77
C GLU B 39 10.19 -12.82 3.13
N GLY B 40 10.19 -13.39 4.34
CA GLY B 40 11.13 -14.45 4.66
C GLY B 40 12.55 -14.01 4.87
N ILE B 41 12.78 -12.70 4.98
CA ILE B 41 14.11 -12.14 5.20
C ILE B 41 14.34 -12.00 6.71
N PRO B 42 15.26 -12.76 7.30
CA PRO B 42 15.48 -12.66 8.75
C PRO B 42 15.91 -11.25 9.14
N PRO B 43 15.41 -10.72 10.27
CA PRO B 43 15.79 -9.36 10.70
C PRO B 43 17.29 -9.11 10.67
N ASP B 44 18.07 -10.09 11.11
CA ASP B 44 19.52 -10.21 10.97
C ASP B 44 20.07 -9.58 9.69
N GLN B 45 19.42 -9.81 8.55
CA GLN B 45 19.93 -9.40 7.26
C GLN B 45 19.39 -8.06 6.78
N GLN B 46 18.53 -7.40 7.57
CA GLN B 46 17.82 -6.20 7.11
C GLN B 46 18.47 -4.94 7.68
N ARG B 47 18.66 -3.97 6.81
CA ARG B 47 18.91 -2.60 7.20
C ARG B 47 17.75 -1.77 6.66
N LEU B 48 17.21 -0.90 7.49
CA LEU B 48 16.12 -0.02 7.11
C LEU B 48 16.60 1.43 7.12
N ILE B 49 16.40 2.12 6.00
CA ILE B 49 16.87 3.49 5.82
C ILE B 49 15.65 4.39 5.58
N PHE B 50 15.66 5.57 6.20
CA PHE B 50 14.63 6.59 6.05
C PHE B 50 15.33 7.93 5.97
N ALA B 51 15.02 8.71 4.93
CA ALA B 51 15.58 10.04 4.73
C ALA B 51 17.11 10.04 4.89
N GLY B 52 17.76 8.95 4.45
CA GLY B 52 19.20 8.84 4.38
C GLY B 52 19.85 8.32 5.65
N LYS B 53 19.07 8.07 6.69
CA LYS B 53 19.58 7.68 7.98
C LYS B 53 19.22 6.22 8.24
N GLN B 54 20.21 5.45 8.72
CA GLN B 54 19.95 4.09 9.15
C GLN B 54 19.14 4.12 10.45
N LEU B 55 18.06 3.34 10.49
CA LEU B 55 17.21 3.27 11.66
C LEU B 55 17.74 2.23 12.65
N GLU B 56 17.73 2.57 13.93
CA GLU B 56 18.32 1.72 14.95
C GLU B 56 17.24 0.88 15.62
N ASP B 57 17.59 -0.38 15.91
CA ASP B 57 16.59 -1.38 16.27
C ASP B 57 15.75 -0.95 17.47
N GLY B 58 16.35 -0.22 18.42
CA GLY B 58 15.66 0.07 19.67
C GLY B 58 14.61 1.16 19.59
N ARG B 59 14.71 2.07 18.61
CA ARG B 59 13.83 3.22 18.57
C ARG B 59 12.52 2.86 17.84
N THR B 60 11.57 3.80 17.85
CA THR B 60 10.28 3.58 17.19
C THR B 60 10.13 4.46 15.94
N LEU B 61 9.06 4.19 15.21
CA LEU B 61 8.77 4.98 14.02
C LEU B 61 8.56 6.45 14.36
N SER B 62 7.78 6.73 15.40
CA SER B 62 7.57 8.12 15.81
C SER B 62 8.89 8.78 16.22
N ASP B 63 9.81 8.03 16.82
CA ASP B 63 11.11 8.60 17.17
C ASP B 63 11.82 9.16 15.96
N TYR B 64 11.59 8.58 14.78
CA TYR B 64 12.12 9.11 13.53
C TYR B 64 11.08 9.94 12.78
N ASN B 65 9.91 10.17 13.39
CA ASN B 65 8.79 10.86 12.76
C ASN B 65 8.43 10.23 11.42
N ILE B 66 8.42 8.91 11.39
CA ILE B 66 7.91 8.16 10.26
C ILE B 66 6.39 8.11 10.40
N GLN B 67 5.69 8.70 9.43
CA GLN B 67 4.24 8.83 9.42
C GLN B 67 3.63 7.92 8.35
N LYS B 68 2.30 7.93 8.26
CA LYS B 68 1.60 7.10 7.29
C LYS B 68 1.98 7.48 5.86
N GLU B 69 2.07 6.47 5.01
CA GLU B 69 2.48 6.54 3.61
C GLU B 69 3.97 6.85 3.43
N SER B 70 4.73 6.86 4.53
CA SER B 70 6.17 7.05 4.44
C SER B 70 6.82 5.90 3.67
N THR B 71 7.95 6.18 3.05
CA THR B 71 8.66 5.18 2.26
C THR B 71 9.98 4.86 2.95
N LEU B 72 10.22 3.59 3.23
CA LEU B 72 11.46 3.12 3.80
C LEU B 72 12.26 2.38 2.74
N HIS B 73 13.56 2.33 2.93
CA HIS B 73 14.41 1.57 2.03
C HIS B 73 15.03 0.41 2.78
N LEU B 74 15.01 -0.76 2.15
CA LEU B 74 15.49 -2.01 2.70
C LEU B 74 16.77 -2.39 2.00
N VAL B 75 17.87 -2.46 2.74
CA VAL B 75 19.15 -2.87 2.18
C VAL B 75 19.68 -4.05 3.00
N LEU B 76 20.54 -4.82 2.34
CA LEU B 76 21.13 -6.03 2.91
C LEU B 76 22.19 -5.69 3.97
N ARG B 77 22.00 -6.20 5.19
CA ARG B 77 22.91 -5.91 6.31
C ARG B 77 24.15 -6.79 6.24
N LEU B 78 25.31 -6.19 6.00
CA LEU B 78 26.56 -6.93 5.94
C LEU B 78 27.49 -6.57 7.11
N THR B 97 35.24 -11.22 -3.55
CA THR B 97 34.44 -10.06 -3.98
C THR B 97 32.94 -10.33 -3.87
N ILE B 98 32.51 -11.54 -4.27
CA ILE B 98 31.14 -11.97 -4.03
C ILE B 98 30.83 -11.93 -2.55
N GLU B 99 31.74 -12.43 -1.71
CA GLU B 99 31.48 -12.48 -0.28
C GLU B 99 31.47 -11.09 0.34
N ARG B 100 32.15 -10.13 -0.28
CA ARG B 100 32.12 -8.76 0.20
C ARG B 100 30.74 -8.14 0.08
N PHE B 101 29.97 -8.53 -0.94
CA PHE B 101 28.74 -7.81 -1.22
C PHE B 101 27.48 -8.63 -1.01
N THR B 102 27.60 -9.89 -0.58
CA THR B 102 26.45 -10.75 -0.41
C THR B 102 26.53 -11.41 0.95
N PHE B 103 25.41 -12.02 1.34
CA PHE B 103 25.23 -12.61 2.66
C PHE B 103 25.07 -14.11 2.50
N PRO B 104 26.16 -14.88 2.57
CA PRO B 104 26.05 -16.33 2.57
C PRO B 104 25.66 -16.83 3.96
N HIS B 105 24.86 -17.90 3.99
CA HIS B 105 24.35 -18.42 5.24
C HIS B 105 23.71 -19.79 4.97
N LYS B 106 23.32 -20.46 6.04
CA LYS B 106 22.63 -21.73 5.96
C LYS B 106 21.14 -21.47 6.20
N TYR B 107 20.32 -21.98 5.28
CA TYR B 107 18.89 -21.69 5.32
C TYR B 107 18.24 -22.27 6.57
N LYS B 108 17.27 -21.54 7.11
CA LYS B 108 16.39 -22.03 8.16
C LYS B 108 14.96 -21.72 7.74
N LYS B 109 14.10 -22.74 7.76
CA LYS B 109 12.69 -22.59 7.41
C LYS B 109 11.91 -22.05 8.60
N ARG B 110 11.22 -20.93 8.42
CA ARG B 110 10.45 -20.36 9.50
C ARG B 110 9.11 -21.07 9.66
N ARG B 111 8.52 -20.94 10.86
CA ARG B 111 7.24 -21.55 11.20
C ARG B 111 6.10 -20.58 10.89
N PRO B 112 5.01 -21.07 10.27
CA PRO B 112 3.82 -20.24 10.05
C PRO B 112 3.12 -19.87 11.37
N ASP B 126 1.71 -22.63 3.06
CA ASP B 126 2.45 -21.98 4.14
C ASP B 126 3.52 -21.03 3.58
N THR B 127 4.76 -21.19 4.06
CA THR B 127 5.85 -20.26 3.78
C THR B 127 7.08 -21.03 3.28
N ASP B 128 6.95 -21.62 2.10
CA ASP B 128 8.04 -22.31 1.44
C ASP B 128 8.78 -21.35 0.51
N GLU B 129 10.01 -21.72 0.15
CA GLU B 129 10.83 -20.87 -0.71
C GLU B 129 11.60 -21.74 -1.69
N LYS B 130 11.60 -21.35 -2.96
CA LYS B 130 12.32 -22.08 -3.99
C LYS B 130 13.50 -21.27 -4.50
N CYS B 131 14.59 -21.98 -4.81
CA CYS B 131 15.67 -21.38 -5.58
C CYS B 131 15.21 -21.26 -7.03
N THR B 132 15.12 -20.02 -7.52
CA THR B 132 14.58 -19.83 -8.86
C THR B 132 15.49 -20.39 -9.95
N ILE B 133 16.77 -20.63 -9.66
CA ILE B 133 17.66 -21.20 -10.68
C ILE B 133 17.35 -22.67 -10.86
N CYS B 134 17.56 -23.49 -9.81
CA CYS B 134 17.37 -24.93 -9.93
C CYS B 134 15.91 -25.37 -9.75
N LEU B 135 15.04 -24.47 -9.29
CA LEU B 135 13.61 -24.70 -9.04
C LEU B 135 13.33 -25.64 -7.86
N SER B 136 14.36 -26.14 -7.15
CA SER B 136 14.14 -26.92 -5.95
C SER B 136 13.79 -26.04 -4.76
N MET B 137 13.32 -26.67 -3.71
CA MET B 137 12.93 -25.98 -2.48
C MET B 137 14.13 -25.81 -1.56
N LEU B 138 14.18 -24.66 -0.90
CA LEU B 138 15.22 -24.42 0.10
C LEU B 138 14.90 -25.20 1.37
N GLU B 139 15.85 -26.02 1.81
CA GLU B 139 15.71 -26.87 2.98
C GLU B 139 16.66 -26.40 4.08
N ASP B 140 16.29 -26.74 5.32
CA ASP B 140 17.15 -26.46 6.46
C ASP B 140 18.57 -26.97 6.21
N GLY B 141 19.55 -26.08 6.42
CA GLY B 141 20.95 -26.43 6.35
C GLY B 141 21.61 -26.22 5.00
N GLU B 142 20.82 -26.01 3.95
CA GLU B 142 21.41 -25.75 2.64
C GLU B 142 22.15 -24.42 2.66
N ASP B 143 23.32 -24.39 2.03
CA ASP B 143 24.10 -23.17 1.92
C ASP B 143 23.46 -22.25 0.90
N VAL B 144 23.02 -21.07 1.36
CA VAL B 144 22.29 -20.12 0.53
C VAL B 144 22.99 -18.75 0.59
N ARG B 145 22.61 -17.89 -0.34
CA ARG B 145 23.23 -16.57 -0.50
C ARG B 145 22.12 -15.56 -0.79
N ARG B 146 22.07 -14.49 -0.01
CA ARG B 146 21.19 -13.38 -0.31
C ARG B 146 21.98 -12.25 -0.96
N LEU B 147 21.39 -11.61 -1.96
CA LEU B 147 22.02 -10.54 -2.70
C LEU B 147 21.53 -9.20 -2.19
N PRO B 148 22.21 -8.09 -2.52
CA PRO B 148 21.78 -6.78 -1.99
C PRO B 148 20.36 -6.37 -2.40
N CYS B 149 19.85 -6.90 -3.53
CA CYS B 149 18.46 -6.75 -3.98
C CYS B 149 17.47 -7.61 -3.21
N MET B 150 17.95 -8.40 -2.25
CA MET B 150 17.21 -9.29 -1.34
C MET B 150 16.80 -10.60 -1.98
N HIS B 151 17.27 -10.93 -3.18
CA HIS B 151 16.97 -12.24 -3.75
C HIS B 151 17.86 -13.30 -3.11
N LEU B 152 17.31 -14.52 -3.01
CA LEU B 152 17.96 -15.60 -2.27
C LEU B 152 18.10 -16.83 -3.15
N PHE B 153 19.31 -17.41 -3.17
CA PHE B 153 19.62 -18.53 -4.05
C PHE B 153 20.44 -19.57 -3.32
N HIS B 154 20.40 -20.80 -3.84
CA HIS B 154 21.45 -21.77 -3.53
C HIS B 154 22.79 -21.20 -3.91
N GLN B 155 23.79 -21.37 -3.05
CA GLN B 155 25.13 -20.90 -3.36
C GLN B 155 25.68 -21.61 -4.58
N LEU B 156 25.55 -22.94 -4.62
CA LEU B 156 26.02 -23.69 -5.78
C LEU B 156 25.32 -23.26 -7.06
N CYS B 157 24.05 -22.87 -6.97
CA CYS B 157 23.31 -22.51 -8.16
C CYS B 157 23.73 -21.15 -8.71
N VAL B 158 24.02 -20.20 -7.83
CA VAL B 158 24.21 -18.82 -8.27
C VAL B 158 25.68 -18.37 -8.27
N ASP B 159 26.56 -19.01 -7.48
CA ASP B 159 27.87 -18.41 -7.21
C ASP B 159 28.71 -18.26 -8.47
N GLN B 160 28.75 -19.31 -9.30
CA GLN B 160 29.51 -19.22 -10.53
C GLN B 160 28.99 -18.10 -11.41
N TRP B 161 27.66 -17.98 -11.54
CA TRP B 161 27.07 -16.87 -12.28
C TRP B 161 27.42 -15.53 -11.64
N LEU B 162 27.35 -15.44 -10.31
CA LEU B 162 27.69 -14.19 -9.65
C LEU B 162 29.14 -13.82 -9.91
N ALA B 163 30.04 -14.81 -9.93
CA ALA B 163 31.45 -14.51 -10.16
C ALA B 163 31.67 -13.93 -11.54
N MET B 164 30.98 -14.47 -12.54
CA MET B 164 31.20 -14.03 -13.91
C MET B 164 30.55 -12.68 -14.18
N SER B 165 29.33 -12.47 -13.68
CA SER B 165 28.51 -11.34 -14.09
C SER B 165 28.39 -10.24 -13.05
N LYS B 166 28.52 -10.57 -11.77
CA LYS B 166 28.34 -9.60 -10.67
C LYS B 166 26.91 -9.04 -10.58
N LYS B 167 25.92 -9.72 -11.16
CA LYS B 167 24.55 -9.24 -11.15
C LYS B 167 23.59 -10.36 -10.74
N CYS B 168 22.48 -9.96 -10.15
CA CYS B 168 21.43 -10.93 -9.81
C CYS B 168 20.83 -11.51 -11.10
N PRO B 169 20.70 -12.83 -11.20
CA PRO B 169 20.08 -13.42 -12.41
C PRO B 169 18.64 -12.96 -12.63
N ILE B 170 17.92 -12.60 -11.57
CA ILE B 170 16.51 -12.23 -11.72
C ILE B 170 16.38 -10.79 -12.16
N CYS B 171 16.93 -9.88 -11.35
CA CYS B 171 16.62 -8.47 -11.48
C CYS B 171 17.75 -7.67 -12.11
N ARG B 172 18.91 -8.30 -12.34
CA ARG B 172 20.09 -7.71 -12.96
C ARG B 172 20.72 -6.57 -12.12
N VAL B 173 20.40 -6.44 -10.83
CA VAL B 173 21.13 -5.47 -10.02
C VAL B 173 22.56 -5.94 -9.80
N ASP B 174 23.53 -5.08 -10.11
CA ASP B 174 24.94 -5.35 -9.84
C ASP B 174 25.16 -5.46 -8.33
N ILE B 175 25.94 -6.46 -7.91
CA ILE B 175 26.18 -6.58 -6.47
C ILE B 175 27.22 -5.59 -5.96
N GLU B 176 28.12 -5.09 -6.82
CA GLU B 176 29.17 -4.18 -6.35
C GLU B 176 28.67 -2.74 -6.32
N THR B 177 28.19 -2.24 -7.45
CA THR B 177 27.35 -1.06 -7.50
C THR B 177 25.93 -1.52 -7.28
N GLN B 178 25.24 -1.00 -6.27
CA GLN B 178 23.94 -1.57 -5.94
C GLN B 178 22.86 -0.99 -6.88
N LEU B 179 23.09 -1.20 -8.18
CA LEU B 179 22.40 -0.54 -9.29
C LEU B 179 22.23 -1.55 -10.42
N GLY B 180 21.46 -1.16 -11.44
CA GLY B 180 21.41 -1.93 -12.68
C GLY B 180 20.12 -1.79 -13.43
#